data_6NJ0
#
_entry.id   6NJ0
#
_cell.length_a   71.146
_cell.length_b   74.424
_cell.length_c   79.033
_cell.angle_alpha   90.00
_cell.angle_beta   90.00
_cell.angle_gamma   90.00
#
_symmetry.space_group_name_H-M   'P 21 21 21'
#
loop_
_entity.id
_entity.type
_entity.pdbx_description
1 polymer '2-succinylbenzoate--CoA ligase'
2 non-polymer "5'-O-{3-[3-(2-carboxyphenyl)-3-oxopropyl]phenyl}adenosine"
3 water water
#
_entity_poly.entity_id   1
_entity_poly.type   'polypeptide(L)'
_entity_poly.pdbx_seq_one_letter_code
;MIFSDWPWRHWRQVRGETIALRLNDEQLNWRELCARVDELASGFAVQGVVEGSGVMLRAWNTPQTLLAWLALLQCGARVL
PVNPQLPQPLLEELLPNLTLQFALVPDGENTFPALTSLHIQLVEGAHAATWQPTRLCSMTLTSGSTGLPKAAVHTYQAHL
ASAQGVLSLIPFGDHDDWLLSLPLFHVSGQGIMWRWLYAGARMTVRDKQPLEQMLAGCTHASLVPTQLWRLLVNRSSVSL
KAVLLGGAAIPVELTEQAREQGIRCFCGYGLTEFASTVCAKEADGLADVGSPLPGREVKIVNNEVWLRAASMAEGYWRNG
QLVSLVNDEGWYATRDRGEMHNGKLTIVGRLDNLFFSGGEGIQPEEVERVIAAHPAVLQVFIVPVADKEFGHRPVAVMEY
DHESVDLSEWVKDKLARFQQPVRWLTLPPELKNGGIKISRQALKEWVQRQQ
;
_entity_poly.pdbx_strand_id   A
#
# COMPACT_ATOMS: atom_id res chain seq x y z
CA ILE A 2 -13.17 0.21 -20.20
C ILE A 2 -12.19 0.62 -21.29
N PHE A 3 -11.13 -0.16 -21.52
CA PHE A 3 -10.22 0.10 -22.63
C PHE A 3 -10.30 -1.07 -23.60
N SER A 4 -10.29 -0.72 -24.87
CA SER A 4 -10.29 -1.69 -25.96
C SER A 4 -8.91 -2.00 -26.49
N ASP A 5 -7.88 -1.35 -25.96
CA ASP A 5 -6.48 -1.62 -26.32
C ASP A 5 -5.64 -1.27 -25.07
N TRP A 6 -4.35 -1.54 -25.14
CA TRP A 6 -3.38 -1.23 -24.07
C TRP A 6 -3.55 0.24 -23.79
N PRO A 7 -3.78 0.60 -22.52
CA PRO A 7 -4.00 1.98 -22.06
C PRO A 7 -3.15 3.04 -22.76
N TRP A 8 -1.84 2.79 -22.85
CA TRP A 8 -0.94 3.73 -23.44
C TRP A 8 -1.28 3.91 -24.94
N ARG A 9 -1.70 2.85 -25.61
CA ARG A 9 -2.15 2.94 -27.02
C ARG A 9 -3.54 3.56 -27.16
N HIS A 10 -4.49 3.27 -26.30
CA HIS A 10 -5.72 4.10 -26.24
C HIS A 10 -5.44 5.61 -26.25
N TRP A 11 -4.60 6.09 -25.34
CA TRP A 11 -4.34 7.55 -25.26
C TRP A 11 -3.50 8.06 -26.42
N ARG A 12 -2.63 7.22 -26.94
CA ARG A 12 -1.98 7.57 -28.16
C ARG A 12 -2.96 7.89 -29.28
N GLN A 13 -4.05 7.14 -29.38
CA GLN A 13 -5.08 7.43 -30.40
C GLN A 13 -5.95 8.62 -30.03
N VAL A 14 -6.27 8.78 -28.74
CA VAL A 14 -7.21 9.87 -28.32
C VAL A 14 -6.51 11.24 -28.28
N ARG A 15 -5.25 11.27 -27.80
CA ARG A 15 -4.49 12.49 -27.44
C ARG A 15 -3.02 12.24 -27.59
N GLY A 16 -2.62 11.72 -28.74
CA GLY A 16 -1.28 11.24 -28.94
C GLY A 16 -0.16 12.22 -28.67
N GLU A 17 -0.37 13.51 -29.00
CA GLU A 17 0.66 14.52 -28.85
C GLU A 17 0.61 15.17 -27.49
N THR A 18 -0.42 14.85 -26.66
CA THR A 18 -0.44 15.39 -25.30
C THR A 18 0.67 14.73 -24.49
N ILE A 19 1.32 15.49 -23.62
CA ILE A 19 2.35 14.97 -22.81
C ILE A 19 1.73 13.97 -21.81
N ALA A 20 2.37 12.81 -21.73
CA ALA A 20 2.01 11.64 -20.90
C ALA A 20 2.84 11.45 -19.64
N LEU A 21 4.14 11.66 -19.75
CA LEU A 21 5.16 11.24 -18.77
C LEU A 21 6.34 12.17 -18.74
N ARG A 22 6.87 12.44 -17.55
CA ARG A 22 8.19 13.04 -17.37
C ARG A 22 9.06 12.01 -16.72
N LEU A 23 10.14 11.68 -17.41
CA LEU A 23 11.16 10.79 -16.97
C LEU A 23 12.44 11.62 -16.80
N ASN A 24 12.84 11.81 -15.56
CA ASN A 24 13.95 12.72 -15.26
C ASN A 24 13.84 14.02 -16.10
N ASP A 25 12.70 14.69 -16.12
CA ASP A 25 12.64 15.98 -16.86
C ASP A 25 12.50 15.86 -18.41
N GLU A 26 12.82 14.70 -19.01
CA GLU A 26 12.46 14.40 -20.39
C GLU A 26 10.92 14.23 -20.49
N GLN A 27 10.25 15.05 -21.29
CA GLN A 27 8.82 14.94 -21.54
C GLN A 27 8.49 14.06 -22.73
N LEU A 28 7.57 13.10 -22.53
CA LEU A 28 7.11 12.14 -23.58
C LEU A 28 5.64 12.26 -23.75
N ASN A 29 5.20 12.36 -24.99
CA ASN A 29 3.79 12.32 -25.26
C ASN A 29 3.44 10.86 -25.46
N TRP A 30 2.16 10.55 -25.59
CA TRP A 30 1.70 9.14 -25.59
C TRP A 30 2.27 8.37 -26.77
N ARG A 31 2.30 9.05 -27.91
CA ARG A 31 2.87 8.43 -29.11
C ARG A 31 4.34 8.04 -28.89
N GLU A 32 5.12 8.93 -28.27
CA GLU A 32 6.53 8.69 -28.00
C GLU A 32 6.73 7.62 -26.91
N LEU A 33 5.84 7.67 -25.92
CA LEU A 33 5.84 6.65 -24.88
C LEU A 33 5.61 5.25 -25.46
N CYS A 34 4.57 5.10 -26.27
CA CYS A 34 4.26 3.77 -26.87
C CYS A 34 5.47 3.36 -27.68
N ALA A 35 6.10 4.32 -28.32
CA ALA A 35 7.35 3.99 -29.04
C ALA A 35 8.49 3.46 -28.20
N ARG A 36 8.77 4.03 -27.02
CA ARG A 36 9.86 3.49 -26.11
C ARG A 36 9.56 2.09 -25.47
N VAL A 37 8.29 1.93 -25.20
CA VAL A 37 7.75 0.68 -24.63
C VAL A 37 7.81 -0.37 -25.71
N ASP A 38 7.51 0.02 -26.94
CA ASP A 38 7.58 -0.87 -28.08
C ASP A 38 9.01 -1.41 -28.16
N GLU A 39 10.00 -0.52 -28.14
CA GLU A 39 11.43 -1.01 -28.20
C GLU A 39 11.81 -2.00 -27.09
N LEU A 40 11.29 -1.77 -25.90
CA LEU A 40 11.70 -2.64 -24.81
C LEU A 40 10.95 -3.95 -24.84
N ALA A 41 9.64 -3.90 -25.13
CA ALA A 41 8.77 -5.06 -25.25
C ALA A 41 9.37 -6.00 -26.34
N SER A 42 9.80 -5.42 -27.46
CA SER A 42 10.48 -6.21 -28.51
C SER A 42 11.78 -6.84 -28.03
N GLY A 43 12.59 -6.14 -27.26
CA GLY A 43 13.77 -6.72 -26.63
C GLY A 43 13.55 -7.82 -25.61
N PHE A 44 12.44 -7.73 -24.89
CA PHE A 44 12.08 -8.80 -23.95
C PHE A 44 11.66 -10.08 -24.66
N ALA A 45 10.91 -9.93 -25.73
CA ALA A 45 10.42 -11.08 -26.53
C ALA A 45 11.54 -11.88 -27.23
N VAL A 46 12.54 -11.20 -27.76
CA VAL A 46 13.74 -11.88 -28.29
C VAL A 46 14.44 -12.65 -27.20
N GLN A 47 14.38 -12.19 -25.95
CA GLN A 47 15.00 -12.90 -24.82
C GLN A 47 14.09 -14.00 -24.20
N GLY A 48 12.91 -14.23 -24.75
CA GLY A 48 12.04 -15.32 -24.35
C GLY A 48 10.76 -15.03 -23.58
N VAL A 49 10.47 -13.77 -23.36
CA VAL A 49 9.34 -13.43 -22.58
C VAL A 49 8.09 -13.58 -23.44
N VAL A 50 7.19 -14.45 -23.00
CA VAL A 50 5.95 -14.65 -23.68
C VAL A 50 4.80 -14.35 -22.76
N GLU A 51 3.59 -14.44 -23.34
CA GLU A 51 2.34 -14.23 -22.63
C GLU A 51 2.31 -15.21 -21.48
N GLY A 52 2.14 -14.69 -20.27
CA GLY A 52 2.17 -15.55 -19.10
C GLY A 52 3.46 -15.80 -18.43
N SER A 53 4.57 -15.34 -19.02
CA SER A 53 5.86 -15.58 -18.37
C SER A 53 5.82 -14.91 -16.99
N GLY A 54 6.37 -15.61 -16.02
CA GLY A 54 6.50 -15.09 -14.69
C GLY A 54 7.80 -14.36 -14.57
N VAL A 55 7.77 -13.05 -14.32
CA VAL A 55 9.03 -12.29 -14.28
C VAL A 55 9.19 -11.52 -12.98
N MET A 56 10.28 -11.75 -12.27
CA MET A 56 10.69 -10.95 -11.11
C MET A 56 11.36 -9.67 -11.54
N LEU A 57 10.79 -8.54 -11.07
CA LEU A 57 11.37 -7.22 -11.34
C LEU A 57 11.84 -6.72 -10.02
N ARG A 58 13.11 -6.98 -9.73
CA ARG A 58 13.69 -6.53 -8.48
C ARG A 58 14.32 -5.18 -8.73
N ALA A 59 13.71 -4.12 -8.19
CA ALA A 59 14.25 -2.78 -8.44
C ALA A 59 13.45 -1.72 -7.64
N TRP A 60 14.10 -0.54 -7.49
CA TRP A 60 13.52 0.68 -6.91
C TRP A 60 12.87 1.46 -8.02
N ASN A 61 12.02 2.44 -7.72
CA ASN A 61 11.42 3.23 -8.75
C ASN A 61 12.51 4.08 -9.45
N THR A 62 12.56 4.00 -10.77
CA THR A 62 13.47 4.78 -11.63
C THR A 62 12.76 4.81 -12.97
N PRO A 63 13.21 5.69 -13.86
CA PRO A 63 12.56 5.70 -15.17
C PRO A 63 12.65 4.32 -15.88
N GLN A 64 13.78 3.65 -15.71
CA GLN A 64 14.00 2.31 -16.32
C GLN A 64 12.98 1.30 -15.79
N THR A 65 12.82 1.27 -14.48
CA THR A 65 11.83 0.41 -13.86
C THR A 65 10.43 0.67 -14.39
N LEU A 66 10.04 1.94 -14.55
CA LEU A 66 8.68 2.16 -15.03
C LEU A 66 8.55 1.66 -16.49
N LEU A 67 9.55 1.95 -17.31
CA LEU A 67 9.42 1.51 -18.69
C LEU A 67 9.41 -0.01 -18.81
N ALA A 68 10.26 -0.64 -18.02
CA ALA A 68 10.34 -2.09 -18.00
C ALA A 68 9.02 -2.72 -17.61
N TRP A 69 8.36 -2.14 -16.61
CA TRP A 69 7.00 -2.58 -16.33
C TRP A 69 6.08 -2.50 -17.50
N LEU A 70 6.02 -1.35 -18.18
CA LEU A 70 5.09 -1.23 -19.30
C LEU A 70 5.40 -2.27 -20.42
N ALA A 71 6.66 -2.42 -20.69
CA ALA A 71 7.20 -3.39 -21.71
C ALA A 71 6.89 -4.83 -21.37
N LEU A 72 7.19 -5.21 -20.13
CA LEU A 72 6.83 -6.56 -19.61
C LEU A 72 5.36 -6.84 -19.67
N LEU A 73 4.54 -5.87 -19.28
CA LEU A 73 3.13 -6.01 -19.34
C LEU A 73 2.65 -6.11 -20.74
N GLN A 74 3.16 -5.26 -21.63
CA GLN A 74 2.76 -5.31 -23.06
C GLN A 74 3.07 -6.70 -23.75
N CYS A 75 4.12 -7.38 -23.30
CA CYS A 75 4.37 -8.80 -23.62
C CYS A 75 3.43 -9.82 -22.98
N GLY A 76 2.60 -9.36 -22.06
CA GLY A 76 1.63 -10.16 -21.31
C GLY A 76 2.20 -10.96 -20.14
N ALA A 77 3.26 -10.46 -19.53
CA ALA A 77 3.95 -11.21 -18.49
C ALA A 77 3.23 -10.93 -17.16
N ARG A 78 3.41 -11.86 -16.24
CA ARG A 78 2.93 -11.79 -14.86
C ARG A 78 4.07 -11.24 -14.03
N VAL A 79 3.94 -9.99 -13.58
CA VAL A 79 5.09 -9.29 -13.05
C VAL A 79 5.07 -9.39 -11.55
N LEU A 80 6.16 -9.85 -10.98
CA LEU A 80 6.37 -9.81 -9.52
C LEU A 80 7.42 -8.76 -9.21
N PRO A 81 7.00 -7.55 -8.85
CA PRO A 81 8.01 -6.61 -8.41
C PRO A 81 8.43 -7.00 -7.01
N VAL A 82 9.73 -6.82 -6.77
CA VAL A 82 10.33 -7.21 -5.52
C VAL A 82 11.21 -6.10 -4.93
N ASN A 83 10.97 -5.88 -3.68
CA ASN A 83 11.68 -4.88 -2.87
C ASN A 83 13.11 -5.38 -2.81
N PRO A 84 14.05 -4.60 -3.35
CA PRO A 84 15.46 -4.99 -3.29
C PRO A 84 15.98 -5.25 -1.94
N GLN A 85 15.34 -4.69 -0.90
CA GLN A 85 15.75 -5.00 0.46
C GLN A 85 15.32 -6.33 1.02
N LEU A 86 14.40 -7.03 0.40
CA LEU A 86 14.05 -8.36 0.88
C LEU A 86 15.31 -9.23 0.82
N PRO A 87 15.66 -9.91 1.94
CA PRO A 87 16.94 -10.64 1.95
C PRO A 87 16.88 -11.87 1.06
N GLN A 88 18.05 -12.32 0.57
CA GLN A 88 18.20 -13.50 -0.32
C GLN A 88 17.66 -14.79 0.27
N PRO A 89 17.78 -14.99 1.60
CA PRO A 89 17.21 -16.20 2.18
C PRO A 89 15.70 -16.23 2.11
N LEU A 90 15.05 -15.12 2.45
CA LEU A 90 13.61 -14.99 2.25
C LEU A 90 13.20 -15.21 0.76
N LEU A 91 13.88 -14.59 -0.19
CA LEU A 91 13.53 -14.82 -1.60
C LEU A 91 13.80 -16.29 -2.03
N GLU A 92 14.87 -16.89 -1.52
CA GLU A 92 15.13 -18.30 -1.80
C GLU A 92 13.96 -19.20 -1.33
N GLU A 93 13.34 -18.85 -0.21
CA GLU A 93 12.12 -19.50 0.26
C GLU A 93 10.89 -19.19 -0.63
N LEU A 94 10.72 -17.93 -1.05
CA LEU A 94 9.49 -17.57 -1.77
C LEU A 94 9.47 -17.97 -3.23
N LEU A 95 10.55 -17.68 -3.94
CA LEU A 95 10.59 -17.65 -5.40
C LEU A 95 10.21 -18.98 -6.05
N PRO A 96 10.73 -20.10 -5.54
CA PRO A 96 10.40 -21.36 -6.23
C PRO A 96 8.91 -21.70 -6.27
N ASN A 97 8.14 -21.16 -5.36
CA ASN A 97 6.71 -21.35 -5.37
C ASN A 97 5.86 -20.35 -6.21
N LEU A 98 6.52 -19.41 -6.90
CA LEU A 98 5.80 -18.32 -7.54
C LEU A 98 5.80 -18.47 -9.02
N THR A 99 6.30 -19.62 -9.55
CA THR A 99 6.19 -19.89 -10.97
C THR A 99 6.75 -18.76 -11.85
N LEU A 100 8.02 -18.52 -11.64
CA LEU A 100 8.76 -17.51 -12.33
C LEU A 100 9.79 -18.17 -13.23
N GLN A 101 10.10 -17.55 -14.34
CA GLN A 101 11.16 -18.01 -15.27
C GLN A 101 12.26 -16.95 -15.49
N PHE A 102 11.96 -15.69 -15.11
CA PHE A 102 12.90 -14.60 -15.40
C PHE A 102 13.07 -13.69 -14.21
N ALA A 103 14.24 -13.04 -14.18
CA ALA A 103 14.52 -11.97 -13.21
C ALA A 103 15.12 -10.81 -13.98
N LEU A 104 14.53 -9.61 -13.83
CA LEU A 104 15.17 -8.39 -14.25
C LEU A 104 15.62 -7.63 -12.99
N VAL A 105 16.92 -7.48 -12.82
CA VAL A 105 17.52 -6.70 -11.72
C VAL A 105 18.46 -5.63 -12.30
N PRO A 106 17.92 -4.46 -12.78
CA PRO A 106 18.81 -3.38 -13.39
C PRO A 106 19.36 -2.35 -12.38
N GLY A 108 21.13 -4.23 -10.42
CA GLY A 108 21.85 -5.19 -9.58
C GLY A 108 22.33 -6.40 -10.40
N GLU A 109 22.38 -7.58 -9.75
CA GLU A 109 22.65 -8.87 -10.43
C GLU A 109 21.57 -9.89 -10.06
N ASN A 110 21.12 -10.65 -11.06
CA ASN A 110 20.36 -11.83 -10.80
C ASN A 110 21.28 -12.88 -10.14
N THR A 111 20.75 -13.45 -9.06
CA THR A 111 21.47 -14.40 -8.24
C THR A 111 20.59 -15.62 -8.03
N PHE A 112 19.69 -15.91 -8.99
CA PHE A 112 18.73 -17.01 -8.84
C PHE A 112 18.85 -17.72 -10.15
N PRO A 113 19.62 -18.81 -10.14
CA PRO A 113 20.04 -19.40 -11.40
C PRO A 113 18.89 -20.20 -12.05
N ALA A 114 17.85 -20.54 -11.29
CA ALA A 114 16.67 -21.03 -11.94
C ALA A 114 15.94 -19.94 -12.77
N LEU A 115 16.30 -18.65 -12.63
CA LEU A 115 15.64 -17.61 -13.41
C LEU A 115 16.57 -17.13 -14.45
N THR A 116 16.09 -16.94 -15.68
CA THR A 116 16.96 -16.41 -16.76
C THR A 116 17.11 -14.93 -16.54
N SER A 117 18.33 -14.39 -16.62
CA SER A 117 18.49 -12.95 -16.40
C SER A 117 18.02 -12.13 -17.59
N LEU A 118 17.10 -11.21 -17.31
CA LEU A 118 16.58 -10.31 -18.33
C LEU A 118 17.46 -9.05 -18.38
N HIS A 119 17.47 -8.39 -19.52
CA HIS A 119 18.27 -7.18 -19.71
C HIS A 119 17.44 -6.17 -20.51
N ILE A 120 17.60 -4.87 -20.21
CA ILE A 120 16.88 -3.82 -20.96
C ILE A 120 17.59 -3.79 -22.27
N GLN A 121 16.87 -4.08 -23.36
CA GLN A 121 17.44 -4.17 -24.71
C GLN A 121 16.46 -3.54 -25.71
N LEU A 122 16.93 -2.51 -26.43
CA LEU A 122 16.09 -1.84 -27.40
C LEU A 122 16.32 -2.57 -28.73
N VAL A 123 15.26 -3.12 -29.31
CA VAL A 123 15.32 -3.72 -30.65
C VAL A 123 14.13 -3.17 -31.40
N GLU A 124 14.06 -3.38 -32.71
CA GLU A 124 12.95 -2.86 -33.51
C GLU A 124 11.73 -3.70 -33.33
N GLY A 125 10.56 -3.09 -33.50
CA GLY A 125 9.24 -3.80 -33.50
C GLY A 125 8.18 -3.14 -32.63
N ALA A 126 6.94 -3.59 -32.77
CA ALA A 126 5.85 -3.17 -31.92
C ALA A 126 5.33 -4.35 -31.15
N HIS A 127 6.25 -5.15 -30.60
CA HIS A 127 5.81 -6.40 -29.97
C HIS A 127 4.74 -6.11 -28.91
N ALA A 128 3.56 -6.64 -29.12
CA ALA A 128 2.53 -6.63 -28.10
C ALA A 128 1.64 -7.87 -28.13
N ALA A 129 1.46 -8.50 -26.96
CA ALA A 129 0.38 -9.45 -26.78
C ALA A 129 -0.91 -8.74 -27.03
N THR A 130 -1.99 -9.48 -27.23
CA THR A 130 -3.24 -8.83 -27.47
C THR A 130 -3.77 -8.27 -26.15
N TRP A 131 -4.35 -7.07 -26.15
CA TRP A 131 -4.84 -6.49 -24.87
C TRP A 131 -5.99 -7.34 -24.32
N GLN A 132 -5.94 -7.65 -23.03
CA GLN A 132 -6.92 -8.49 -22.39
C GLN A 132 -7.07 -8.04 -20.95
N PRO A 133 -8.16 -7.32 -20.64
CA PRO A 133 -8.32 -6.86 -19.28
C PRO A 133 -8.30 -7.95 -18.25
N THR A 134 -8.72 -9.19 -18.62
CA THR A 134 -8.75 -10.30 -17.65
C THR A 134 -7.44 -11.05 -17.57
N ARG A 135 -6.39 -10.67 -18.30
CA ARG A 135 -5.09 -11.28 -18.12
C ARG A 135 -4.45 -10.90 -16.75
N LEU A 136 -3.75 -11.84 -16.14
CA LEU A 136 -2.97 -11.56 -14.92
C LEU A 136 -1.88 -10.57 -15.27
N CYS A 137 -1.74 -9.57 -14.38
CA CYS A 137 -0.86 -8.42 -14.59
C CYS A 137 0.24 -8.53 -13.56
N SER A 138 -0.15 -8.53 -12.30
CA SER A 138 0.83 -8.51 -11.23
C SER A 138 0.68 -9.49 -10.04
N MET A 139 1.78 -9.62 -9.30
CA MET A 139 1.88 -10.45 -8.10
C MET A 139 2.63 -9.60 -7.08
N THR A 140 1.90 -9.08 -6.09
CA THR A 140 2.46 -8.20 -5.09
C THR A 140 2.57 -8.91 -3.75
N LEU A 141 3.73 -8.81 -3.15
CA LEU A 141 4.01 -9.45 -1.86
C LEU A 141 3.35 -8.74 -0.69
N THR A 142 2.69 -9.51 0.17
CA THR A 142 2.04 -8.94 1.35
C THR A 142 3.15 -8.76 2.37
N SER A 143 2.92 -8.01 3.44
CA SER A 143 4.04 -7.65 4.38
C SER A 143 3.57 -7.10 5.72
N GLY A 147 4.96 -13.77 9.21
CA GLY A 147 5.11 -15.00 8.39
C GLY A 147 5.64 -14.73 6.99
N LEU A 148 5.56 -15.73 6.11
CA LEU A 148 6.11 -15.59 4.73
C LEU A 148 5.15 -14.66 4.02
N PRO A 149 5.69 -13.74 3.22
CA PRO A 149 4.77 -12.96 2.40
C PRO A 149 3.93 -13.85 1.47
N LYS A 150 2.70 -13.46 1.18
CA LYS A 150 1.89 -14.11 0.14
C LYS A 150 1.92 -13.25 -1.10
N ALA A 151 1.65 -13.86 -2.25
CA ALA A 151 1.69 -13.17 -3.51
C ALA A 151 0.24 -12.93 -3.98
N ALA A 152 -0.26 -11.72 -3.74
CA ALA A 152 -1.61 -11.34 -4.22
C ALA A 152 -1.57 -11.02 -5.70
N VAL A 153 -2.40 -11.71 -6.48
CA VAL A 153 -2.39 -11.60 -7.90
C VAL A 153 -3.58 -10.80 -8.40
N HIS A 154 -3.27 -9.84 -9.25
CA HIS A 154 -4.32 -9.03 -9.85
C HIS A 154 -4.30 -9.03 -11.33
N THR A 155 -5.50 -8.98 -11.91
CA THR A 155 -5.67 -8.65 -13.32
C THR A 155 -5.55 -7.14 -13.63
N TYR A 156 -5.40 -6.80 -14.92
CA TYR A 156 -5.48 -5.38 -15.40
C TYR A 156 -6.80 -4.76 -14.95
N GLN A 157 -7.89 -5.53 -15.14
CA GLN A 157 -9.19 -5.11 -14.77
C GLN A 157 -9.31 -4.69 -13.37
N ALA A 158 -8.72 -5.43 -12.47
CA ALA A 158 -8.69 -5.09 -11.05
C ALA A 158 -7.96 -3.81 -10.74
N HIS A 159 -6.82 -3.60 -11.35
CA HIS A 159 -6.04 -2.35 -11.09
C HIS A 159 -6.86 -1.18 -11.65
N LEU A 160 -7.49 -1.38 -12.82
CA LEU A 160 -8.34 -0.30 -13.40
C LEU A 160 -9.57 0.04 -12.54
N ALA A 161 -10.21 -0.98 -11.94
CA ALA A 161 -11.30 -0.79 -11.01
C ALA A 161 -10.78 -0.07 -9.77
N SER A 162 -9.58 -0.42 -9.29
CA SER A 162 -9.03 0.31 -8.14
C SER A 162 -8.90 1.82 -8.48
N ALA A 163 -8.26 2.08 -9.61
CA ALA A 163 -8.08 3.47 -10.12
C ALA A 163 -9.39 4.24 -10.29
N GLN A 164 -10.40 3.60 -10.88
CA GLN A 164 -11.70 4.21 -11.03
C GLN A 164 -12.30 4.72 -9.73
N GLY A 165 -12.21 3.89 -8.69
CA GLY A 165 -12.71 4.22 -7.39
C GLY A 165 -11.96 5.38 -6.77
N VAL A 166 -10.63 5.34 -6.83
CA VAL A 166 -9.84 6.41 -6.26
C VAL A 166 -10.17 7.71 -6.93
N LEU A 167 -10.24 7.70 -8.28
CA LEU A 167 -10.45 8.92 -9.01
C LEU A 167 -11.87 9.46 -8.93
N SER A 168 -12.77 8.74 -8.28
CA SER A 168 -14.13 9.21 -8.02
CA SER A 168 -14.12 9.20 -8.01
C SER A 168 -14.11 10.15 -6.84
N LEU A 169 -13.07 10.01 -5.99
CA LEU A 169 -12.91 10.88 -4.84
C LEU A 169 -11.91 12.01 -5.09
N ILE A 170 -10.82 11.64 -5.73
CA ILE A 170 -9.69 12.56 -6.03
C ILE A 170 -9.74 12.92 -7.51
N PRO A 171 -10.22 14.14 -7.84
CA PRO A 171 -10.10 14.66 -9.17
C PRO A 171 -8.71 14.61 -9.67
N PHE A 172 -8.51 13.94 -10.80
CA PHE A 172 -7.23 13.83 -11.48
C PHE A 172 -7.46 13.73 -12.98
N GLY A 173 -7.07 14.78 -13.68
CA GLY A 173 -7.52 15.02 -15.03
C GLY A 173 -6.39 15.28 -15.98
N ASP A 174 -6.75 15.69 -17.21
CA ASP A 174 -5.84 15.86 -18.33
C ASP A 174 -4.47 16.38 -17.97
N HIS A 175 -4.43 17.60 -17.39
CA HIS A 175 -3.18 18.31 -17.13
C HIS A 175 -2.46 17.79 -15.85
N ASP A 176 -3.15 17.10 -14.95
CA ASP A 176 -2.61 16.82 -13.63
C ASP A 176 -1.46 15.87 -13.75
N ASP A 177 -0.61 15.87 -12.73
CA ASP A 177 0.63 15.13 -12.81
C ASP A 177 0.92 14.50 -11.44
N TRP A 178 0.78 13.18 -11.36
CA TRP A 178 1.03 12.43 -10.13
C TRP A 178 2.47 12.04 -10.05
N LEU A 179 3.16 12.40 -8.95
CA LEU A 179 4.50 11.86 -8.82
C LEU A 179 4.42 10.38 -8.43
N LEU A 180 5.24 9.55 -9.10
CA LEU A 180 5.45 8.17 -8.68
C LEU A 180 6.34 8.25 -7.41
N SER A 181 5.63 8.45 -6.29
CA SER A 181 6.20 8.74 -4.97
C SER A 181 6.35 7.59 -3.98
N LEU A 182 5.83 6.40 -4.33
CA LEU A 182 5.84 5.22 -3.50
C LEU A 182 6.15 4.00 -4.40
N PRO A 183 6.73 2.96 -3.83
CA PRO A 183 7.31 1.91 -4.63
C PRO A 183 6.34 1.13 -5.46
N LEU A 184 6.74 0.87 -6.69
CA LEU A 184 6.01 0.00 -7.51
C LEU A 184 5.93 -1.47 -7.03
N PHE A 185 6.79 -1.87 -6.09
CA PHE A 185 6.68 -3.15 -5.48
C PHE A 185 5.65 -3.20 -4.40
N HIS A 186 4.98 -2.07 -4.15
CA HIS A 186 3.81 -2.04 -3.31
C HIS A 186 2.60 -1.65 -4.18
N VAL A 187 1.41 -1.89 -3.66
CA VAL A 187 0.17 -1.52 -4.43
C VAL A 187 0.05 0.00 -4.51
N SER A 188 0.62 0.71 -3.57
CA SER A 188 0.62 2.14 -3.54
C SER A 188 1.21 2.74 -4.82
N GLY A 189 2.40 2.25 -5.24
CA GLY A 189 3.04 2.79 -6.44
C GLY A 189 2.34 2.27 -7.68
N GLN A 190 1.90 1.00 -7.63
CA GLN A 190 1.05 0.48 -8.72
C GLN A 190 -0.19 1.32 -8.89
N GLY A 191 -0.82 1.76 -7.82
CA GLY A 191 -2.04 2.52 -7.92
C GLY A 191 -1.85 3.83 -8.60
N ILE A 192 -0.68 4.45 -8.36
CA ILE A 192 -0.34 5.69 -9.06
C ILE A 192 -0.22 5.40 -10.55
N MET A 193 0.55 4.38 -10.93
CA MET A 193 0.68 4.06 -12.34
C MET A 193 -0.68 3.81 -13.00
N TRP A 194 -1.57 3.11 -12.30
CA TRP A 194 -2.87 2.79 -12.91
C TRP A 194 -3.83 3.91 -12.95
N ARG A 195 -3.72 4.82 -12.00
CA ARG A 195 -4.51 6.07 -12.03
C ARG A 195 -4.12 6.96 -13.19
N TRP A 196 -2.81 7.05 -13.41
CA TRP A 196 -2.21 7.77 -14.52
C TRP A 196 -2.80 7.24 -15.85
N LEU A 197 -2.80 5.94 -15.96
CA LEU A 197 -3.24 5.30 -17.19
C LEU A 197 -4.72 5.25 -17.32
N TYR A 198 -5.44 5.21 -16.21
CA TYR A 198 -6.87 5.21 -16.22
C TYR A 198 -7.42 6.55 -16.74
N ALA A 199 -6.81 7.61 -16.27
CA ALA A 199 -7.18 8.94 -16.63
C ALA A 199 -6.55 9.47 -17.92
N GLY A 200 -5.49 8.83 -18.40
CA GLY A 200 -4.66 9.34 -19.46
C GLY A 200 -4.11 10.71 -19.12
N ALA A 201 -3.67 10.88 -17.85
CA ALA A 201 -3.13 12.17 -17.40
C ALA A 201 -1.61 12.17 -17.51
N ARG A 202 -0.90 12.71 -16.52
CA ARG A 202 0.55 12.67 -16.54
C ARG A 202 1.10 12.04 -15.23
N MET A 203 2.21 11.37 -15.38
CA MET A 203 3.01 10.87 -14.29
C MET A 203 4.43 11.37 -14.39
N THR A 204 5.07 11.50 -13.24
CA THR A 204 6.44 11.92 -13.18
C THR A 204 7.26 10.79 -12.47
N VAL A 205 8.31 10.40 -13.09
CA VAL A 205 9.22 9.45 -12.47
C VAL A 205 10.61 10.09 -12.55
N ARG A 206 11.27 10.19 -11.40
CA ARG A 206 12.58 10.82 -11.38
C ARG A 206 13.52 10.14 -10.40
N ASP A 207 14.71 9.80 -10.87
CA ASP A 207 15.69 9.17 -10.02
C ASP A 207 15.72 9.84 -8.67
N LYS A 208 16.13 9.08 -7.66
CA LYS A 208 16.07 9.55 -6.29
C LYS A 208 16.84 10.89 -6.01
N GLN A 209 16.04 11.83 -5.49
CA GLN A 209 16.46 13.13 -4.98
C GLN A 209 15.53 13.49 -3.83
N PRO A 210 15.94 14.48 -3.03
CA PRO A 210 15.02 14.91 -1.96
C PRO A 210 13.58 15.10 -2.43
N LEU A 211 12.64 14.67 -1.60
CA LEU A 211 11.25 14.61 -2.01
C LEU A 211 10.73 15.96 -2.49
N GLU A 212 11.11 17.04 -1.80
CA GLU A 212 10.76 18.41 -2.18
C GLU A 212 11.07 18.67 -3.67
N GLN A 213 12.24 18.21 -4.12
CA GLN A 213 12.67 18.38 -5.50
C GLN A 213 11.96 17.43 -6.45
N MET A 214 11.77 16.20 -6.01
CA MET A 214 10.96 15.23 -6.75
C MET A 214 9.59 15.72 -7.11
N LEU A 215 8.99 16.53 -6.23
CA LEU A 215 7.66 16.98 -6.40
C LEU A 215 7.50 18.11 -7.42
N ALA A 216 8.62 18.73 -7.86
CA ALA A 216 8.53 19.90 -8.73
C ALA A 216 7.69 19.69 -9.96
N GLY A 217 6.70 20.57 -10.11
CA GLY A 217 5.81 20.55 -11.24
C GLY A 217 4.63 19.59 -11.12
N CYS A 218 4.63 18.75 -10.10
CA CYS A 218 3.57 17.78 -9.98
C CYS A 218 2.42 18.39 -9.28
N THR A 219 1.26 17.81 -9.43
CA THR A 219 0.00 18.23 -8.74
C THR A 219 -0.50 17.26 -7.71
N HIS A 220 -0.07 16.00 -7.79
CA HIS A 220 -0.67 14.96 -6.99
C HIS A 220 0.47 14.09 -6.49
N ALA A 221 0.32 13.56 -5.31
CA ALA A 221 1.31 12.58 -4.78
C ALA A 221 0.61 11.63 -3.81
N SER A 222 1.21 10.45 -3.67
CA SER A 222 0.84 9.53 -2.61
C SER A 222 1.96 9.45 -1.54
N LEU A 223 1.60 9.63 -0.27
CA LEU A 223 2.58 9.64 0.80
C LEU A 223 2.19 8.73 1.93
N VAL A 224 3.17 8.06 2.49
CA VAL A 224 3.06 7.61 3.85
C VAL A 224 3.26 8.75 4.83
N PRO A 225 2.68 8.63 6.04
CA PRO A 225 2.74 9.76 6.97
C PRO A 225 4.14 10.35 7.26
N THR A 226 5.16 9.50 7.39
CA THR A 226 6.52 10.00 7.60
C THR A 226 7.14 10.79 6.45
N GLN A 227 6.72 10.52 5.22
CA GLN A 227 7.10 11.34 4.09
C GLN A 227 6.52 12.74 4.26
N LEU A 228 5.27 12.80 4.65
CA LEU A 228 4.62 14.10 4.85
C LEU A 228 5.28 14.84 6.03
N TRP A 229 5.54 14.16 7.14
CA TRP A 229 6.23 14.80 8.23
C TRP A 229 7.58 15.38 7.76
N ARG A 230 8.30 14.59 6.95
CA ARG A 230 9.60 15.00 6.44
C ARG A 230 9.50 16.34 5.73
N LEU A 231 8.44 16.51 4.94
CA LEU A 231 8.21 17.78 4.20
C LEU A 231 7.98 18.96 5.13
N LEU A 232 7.17 18.74 6.16
CA LEU A 232 6.80 19.76 7.16
C LEU A 232 8.00 20.18 8.03
N VAL A 233 8.79 19.24 8.53
CA VAL A 233 9.95 19.59 9.32
C VAL A 233 11.02 20.33 8.54
N ASN A 234 11.17 20.03 7.25
CA ASN A 234 12.12 20.70 6.40
C ASN A 234 11.57 22.06 5.93
N ARG A 235 10.32 22.37 6.28
CA ARG A 235 9.56 23.55 5.78
C ARG A 235 9.64 23.65 4.29
N SER A 236 9.46 22.52 3.63
CA SER A 236 9.62 22.43 2.19
C SER A 236 8.50 23.21 1.56
N SER A 237 8.73 23.77 0.39
CA SER A 237 7.67 24.44 -0.32
C SER A 237 6.91 23.36 -1.08
N VAL A 238 5.65 23.19 -0.80
CA VAL A 238 4.97 22.17 -1.59
C VAL A 238 3.72 22.79 -2.17
N SER A 239 3.47 22.46 -3.44
CA SER A 239 2.47 23.11 -4.25
C SER A 239 1.72 21.99 -5.02
N LEU A 240 0.72 21.45 -4.35
CA LEU A 240 0.02 20.24 -4.80
C LEU A 240 -1.43 20.48 -4.78
N LYS A 241 -2.16 19.85 -5.70
CA LYS A 241 -3.62 19.74 -5.60
C LYS A 241 -4.11 18.74 -4.56
N ALA A 242 -3.39 17.64 -4.36
CA ALA A 242 -3.91 16.57 -3.51
C ALA A 242 -2.80 15.61 -3.14
N VAL A 243 -2.81 15.21 -1.89
CA VAL A 243 -1.92 14.17 -1.43
C VAL A 243 -2.85 13.10 -0.96
N LEU A 244 -2.56 11.85 -1.31
CA LEU A 244 -3.34 10.70 -0.75
C LEU A 244 -2.42 9.99 0.24
N LEU A 245 -2.88 9.89 1.48
CA LEU A 245 -2.13 9.20 2.54
C LEU A 245 -2.67 7.83 2.77
N GLY A 246 -1.79 6.92 3.19
CA GLY A 246 -2.22 5.64 3.63
C GLY A 246 -1.11 4.83 4.27
N GLY A 247 -1.43 3.54 4.41
CA GLY A 247 -0.48 2.54 4.88
C GLY A 247 -0.60 2.24 6.36
N ALA A 248 -1.42 3.03 7.07
CA ALA A 248 -1.52 3.04 8.53
C ALA A 248 -2.61 4.10 8.86
N ALA A 249 -3.07 4.18 10.10
CA ALA A 249 -3.92 5.30 10.58
C ALA A 249 -3.20 6.62 10.36
N ILE A 250 -3.95 7.65 10.06
CA ILE A 250 -3.36 8.90 9.73
C ILE A 250 -3.74 9.87 10.83
N PRO A 251 -2.78 10.28 11.67
CA PRO A 251 -3.12 11.17 12.79
C PRO A 251 -3.71 12.51 12.34
N VAL A 252 -4.67 12.99 13.09
CA VAL A 252 -5.36 14.24 12.76
C VAL A 252 -4.35 15.40 12.74
N GLU A 253 -3.40 15.40 13.66
CA GLU A 253 -2.39 16.46 13.77
C GLU A 253 -1.59 16.59 12.45
N LEU A 254 -1.24 15.46 11.84
CA LEU A 254 -0.56 15.48 10.53
C LEU A 254 -1.39 16.24 9.48
N THR A 255 -2.64 15.88 9.31
CA THR A 255 -3.43 16.51 8.30
C THR A 255 -3.77 17.96 8.60
N GLU A 256 -3.91 18.30 9.88
CA GLU A 256 -4.12 19.73 10.28
C GLU A 256 -2.84 20.51 9.98
N GLN A 257 -1.67 19.97 10.31
CA GLN A 257 -0.41 20.65 9.99
C GLN A 257 -0.26 20.85 8.49
N ALA A 258 -0.62 19.81 7.75
CA ALA A 258 -0.58 19.88 6.28
C ALA A 258 -1.55 20.94 5.72
N ARG A 259 -2.78 20.94 6.22
CA ARG A 259 -3.82 21.91 5.75
C ARG A 259 -3.31 23.37 5.91
N GLU A 260 -2.59 23.62 6.96
CA GLU A 260 -2.03 24.94 7.25
C GLU A 260 -0.91 25.35 6.27
N GLN A 261 -0.31 24.39 5.61
CA GLN A 261 0.62 24.64 4.57
C GLN A 261 0.00 24.63 3.17
N GLY A 262 -1.32 24.58 3.08
CA GLY A 262 -2.06 24.57 1.80
C GLY A 262 -2.03 23.22 1.08
N ILE A 263 -1.86 22.14 1.85
CA ILE A 263 -1.78 20.77 1.32
C ILE A 263 -3.09 20.04 1.60
N ARG A 264 -3.87 19.81 0.54
CA ARG A 264 -5.14 19.10 0.64
C ARG A 264 -4.81 17.63 0.75
N CYS A 265 -5.21 17.02 1.86
CA CYS A 265 -4.91 15.61 2.09
C CYS A 265 -6.17 14.75 2.01
N PHE A 266 -5.99 13.59 1.43
CA PHE A 266 -6.97 12.51 1.48
C PHE A 266 -6.35 11.38 2.23
N CYS A 267 -7.15 10.70 3.03
CA CYS A 267 -6.75 9.62 3.88
C CYS A 267 -7.40 8.35 3.38
N GLY A 268 -6.63 7.30 3.22
CA GLY A 268 -7.18 6.05 2.70
C GLY A 268 -6.90 4.85 3.58
N TYR A 269 -7.79 3.89 3.52
CA TYR A 269 -7.65 2.54 4.08
C TYR A 269 -7.57 1.66 2.88
N GLY A 270 -6.44 0.97 2.74
CA GLY A 270 -6.25 0.12 1.58
C GLY A 270 -5.55 -1.15 2.00
N LEU A 271 -5.41 -2.06 1.06
CA LEU A 271 -4.77 -3.32 1.35
C LEU A 271 -4.04 -3.81 0.09
N THR A 272 -3.06 -4.68 0.27
CA THR A 272 -2.39 -5.25 -0.87
C THR A 272 -3.36 -6.04 -1.74
N GLU A 273 -4.20 -6.81 -1.07
CA GLU A 273 -5.17 -7.63 -1.75
C GLU A 273 -6.17 -6.84 -2.59
N PHE A 274 -6.38 -5.55 -2.29
CA PHE A 274 -7.23 -4.67 -3.10
C PHE A 274 -6.49 -3.70 -4.06
N ALA A 275 -5.23 -3.97 -4.34
CA ALA A 275 -4.43 -3.18 -5.31
C ALA A 275 -4.50 -1.69 -4.95
N SER A 276 -4.51 -1.44 -3.64
CA SER A 276 -4.49 -0.09 -3.01
C SER A 276 -5.80 0.24 -2.28
N THR A 277 -6.43 1.39 -2.58
CA THR A 277 -7.42 1.99 -1.68
C THR A 277 -8.79 1.37 -1.67
N VAL A 278 -9.33 1.20 -0.47
CA VAL A 278 -10.66 0.57 -0.33
C VAL A 278 -11.62 1.66 0.14
N CYS A 279 -11.40 2.19 1.32
CA CYS A 279 -12.20 3.33 1.84
C CYS A 279 -11.36 4.59 1.82
N ALA A 280 -11.93 5.80 1.65
CA ALA A 280 -11.09 6.97 1.70
C ALA A 280 -12.00 8.16 1.95
N LYS A 281 -11.40 9.24 2.35
CA LYS A 281 -12.08 10.53 2.58
C LYS A 281 -11.07 11.70 2.45
N GLU A 282 -11.60 12.93 2.24
CA GLU A 282 -10.78 14.13 2.45
C GLU A 282 -10.55 14.19 3.96
N ALA A 283 -9.33 14.55 4.42
CA ALA A 283 -9.02 14.60 5.85
C ALA A 283 -10.03 15.49 6.58
N ASP A 284 -10.56 15.05 7.71
CA ASP A 284 -11.58 15.86 8.48
C ASP A 284 -11.37 15.72 9.98
N GLY A 285 -10.18 15.30 10.33
C GLY A 285 -10.97 13.78 12.68
N LEU A 286 -11.91 13.13 11.99
CA LEU A 286 -12.72 12.10 12.60
C LEU A 286 -12.03 10.78 12.52
N ALA A 287 -12.39 9.87 13.41
CA ALA A 287 -11.63 8.64 13.56
C ALA A 287 -11.72 7.75 12.33
N ASP A 288 -12.86 7.83 11.66
CA ASP A 288 -13.20 6.85 10.61
C ASP A 288 -12.21 6.91 9.44
N VAL A 289 -12.22 5.89 8.57
CA VAL A 289 -11.39 5.88 7.35
C VAL A 289 -12.17 6.22 6.13
N GLY A 290 -13.35 6.79 6.34
CA GLY A 290 -14.22 7.20 5.26
C GLY A 290 -15.02 6.07 4.66
N SER A 291 -16.09 6.41 3.95
CA SER A 291 -16.95 5.42 3.32
C SER A 291 -16.23 4.76 2.15
N PRO A 292 -16.65 3.53 1.82
CA PRO A 292 -16.06 2.73 0.69
C PRO A 292 -16.14 3.50 -0.60
N LEU A 293 -15.09 3.35 -1.39
CA LEU A 293 -14.95 3.96 -2.65
C LEU A 293 -15.87 3.18 -3.54
N PRO A 294 -16.34 3.80 -4.60
CA PRO A 294 -17.29 3.11 -5.51
C PRO A 294 -16.68 1.85 -6.04
N GLY A 295 -17.48 0.81 -6.13
CA GLY A 295 -16.89 -0.52 -6.48
C GLY A 295 -16.66 -1.36 -5.28
N ARG A 296 -16.27 -0.76 -4.16
CA ARG A 296 -16.03 -1.50 -2.92
C ARG A 296 -17.24 -1.64 -2.03
N GLU A 297 -17.33 -2.77 -1.34
CA GLU A 297 -18.38 -2.95 -0.27
C GLU A 297 -17.70 -3.43 0.97
N VAL A 298 -18.23 -2.95 2.08
CA VAL A 298 -17.73 -3.24 3.41
C VAL A 298 -18.87 -3.80 4.26
N LYS A 299 -18.56 -4.79 5.06
CA LYS A 299 -19.46 -5.20 6.12
C LYS A 299 -18.72 -5.78 7.27
N ILE A 300 -19.35 -5.71 8.42
CA ILE A 300 -18.81 -6.22 9.66
C ILE A 300 -19.53 -7.49 10.02
N VAL A 301 -18.75 -8.56 10.19
CA VAL A 301 -19.27 -9.79 10.73
C VAL A 301 -18.47 -10.27 11.95
N ASN A 302 -19.21 -10.42 13.06
CA ASN A 302 -18.60 -10.81 14.30
C ASN A 302 -17.33 -9.90 14.58
N ASN A 303 -17.51 -8.60 14.36
CA ASN A 303 -16.52 -7.51 14.59
C ASN A 303 -15.39 -7.41 13.54
N GLU A 304 -15.32 -8.39 12.66
CA GLU A 304 -14.38 -8.38 11.56
C GLU A 304 -14.86 -7.64 10.34
N VAL A 305 -13.94 -6.86 9.76
CA VAL A 305 -14.15 -6.17 8.51
C VAL A 305 -14.04 -7.14 7.37
N TRP A 306 -15.09 -7.18 6.54
CA TRP A 306 -15.13 -7.99 5.31
C TRP A 306 -15.31 -7.01 4.14
N LEU A 307 -14.62 -7.30 3.04
CA LEU A 307 -14.58 -6.44 1.85
C LEU A 307 -14.86 -7.19 0.56
N ARG A 308 -15.49 -6.50 -0.38
CA ARG A 308 -15.75 -7.09 -1.68
C ARG A 308 -15.51 -5.97 -2.68
N ALA A 309 -14.87 -6.25 -3.81
CA ALA A 309 -14.69 -5.24 -4.85
C ALA A 309 -14.22 -5.87 -6.13
N ALA A 310 -14.35 -5.12 -7.24
CA ALA A 310 -13.73 -5.52 -8.46
C ALA A 310 -12.19 -5.36 -8.44
N SER A 311 -11.65 -4.64 -7.48
CA SER A 311 -10.22 -4.54 -7.38
C SER A 311 -9.62 -5.67 -6.54
N MET A 312 -10.39 -6.68 -6.14
CA MET A 312 -9.83 -7.67 -5.26
C MET A 312 -8.98 -8.54 -6.06
N ALA A 313 -7.97 -9.08 -5.44
CA ALA A 313 -7.07 -9.98 -6.11
C ALA A 313 -7.82 -11.26 -6.51
N GLU A 314 -7.44 -11.78 -7.67
CA GLU A 314 -7.91 -13.09 -8.16
C GLU A 314 -7.56 -14.22 -7.21
N GLY A 315 -6.55 -14.03 -6.40
CA GLY A 315 -6.15 -15.01 -5.46
C GLY A 315 -4.74 -14.82 -4.97
N TYR A 316 -4.25 -15.80 -4.19
CA TYR A 316 -2.86 -15.81 -3.83
C TYR A 316 -2.18 -16.89 -4.65
N TRP A 317 -0.98 -16.65 -5.08
CA TRP A 317 -0.26 -17.61 -5.93
C TRP A 317 0.38 -18.57 -4.90
N ARG A 318 -0.15 -19.76 -4.79
CA ARG A 318 0.37 -20.71 -3.79
C ARG A 318 0.99 -21.92 -4.44
N ASN A 319 2.28 -22.16 -4.11
CA ASN A 319 2.95 -23.41 -4.58
C ASN A 319 2.64 -23.67 -6.06
N GLY A 320 2.85 -22.66 -6.89
CA GLY A 320 2.52 -22.82 -8.31
C GLY A 320 1.11 -22.66 -8.85
N GLN A 321 0.11 -22.40 -8.03
CA GLN A 321 -1.27 -22.33 -8.50
C GLN A 321 -1.98 -21.07 -7.87
N LEU A 322 -3.00 -20.55 -8.53
CA LEU A 322 -3.84 -19.48 -7.98
C LEU A 322 -4.92 -19.99 -7.01
N VAL A 323 -4.96 -19.47 -5.78
CA VAL A 323 -5.94 -19.86 -4.78
C VAL A 323 -6.78 -18.66 -4.40
N SER A 324 -8.10 -18.82 -4.52
CA SER A 324 -9.02 -17.70 -4.30
C SER A 324 -8.92 -17.15 -2.89
N LEU A 325 -9.07 -15.83 -2.80
CA LEU A 325 -9.03 -15.03 -1.53
C LEU A 325 -10.26 -15.16 -0.71
N VAL A 326 -11.39 -15.53 -1.33
CA VAL A 326 -12.67 -15.23 -0.74
C VAL A 326 -13.15 -16.34 0.20
N ASN A 327 -14.04 -15.93 1.09
CA ASN A 327 -14.58 -16.82 2.10
C ASN A 327 -15.79 -17.47 1.46
N ASP A 328 -16.58 -18.24 2.25
CA ASP A 328 -17.76 -18.96 1.75
C ASP A 328 -18.88 -18.04 1.18
N GLU A 329 -18.92 -16.78 1.58
CA GLU A 329 -19.88 -15.80 1.02
C GLU A 329 -19.36 -14.95 -0.18
N GLY A 330 -18.10 -15.07 -0.55
CA GLY A 330 -17.54 -14.33 -1.72
C GLY A 330 -16.92 -13.00 -1.33
N TRP A 331 -16.59 -12.86 -0.04
CA TRP A 331 -15.95 -11.68 0.56
C TRP A 331 -14.53 -12.02 1.03
N TYR A 332 -13.70 -10.99 1.19
CA TYR A 332 -12.41 -11.13 1.81
C TYR A 332 -12.52 -10.72 3.28
N ALA A 333 -12.15 -11.67 4.14
CA ALA A 333 -11.99 -11.47 5.59
C ALA A 333 -10.61 -10.84 5.90
N THR A 334 -10.59 -9.60 6.37
CA THR A 334 -9.37 -8.82 6.52
C THR A 334 -8.54 -9.11 7.74
N ARG A 335 -9.10 -9.77 8.75
CA ARG A 335 -8.49 -9.78 10.10
C ARG A 335 -8.38 -8.38 10.82
N ASP A 336 -9.01 -7.35 10.26
CA ASP A 336 -9.11 -6.06 10.91
C ASP A 336 -10.45 -6.07 11.68
N ARG A 337 -10.45 -5.41 12.84
CA ARG A 337 -11.63 -5.28 13.67
C ARG A 337 -12.22 -3.91 13.36
N GLY A 338 -13.51 -3.87 13.04
CA GLY A 338 -14.14 -2.61 12.68
C GLY A 338 -15.61 -2.40 13.09
N GLU A 339 -16.07 -1.19 12.82
CA GLU A 339 -17.47 -0.76 13.09
C GLU A 339 -17.86 0.14 11.93
N MET A 340 -19.12 0.07 11.54
CA MET A 340 -19.71 0.88 10.51
C MET A 340 -20.80 1.76 11.19
N HIS A 341 -20.73 3.05 10.92
CA HIS A 341 -21.69 4.03 11.45
C HIS A 341 -21.90 5.02 10.31
N ASN A 342 -23.14 5.20 9.86
CA ASN A 342 -23.47 6.29 8.91
C ASN A 342 -22.77 6.12 7.58
N GLY A 343 -22.61 4.88 7.15
CA GLY A 343 -21.81 4.53 5.96
C GLY A 343 -20.30 4.56 6.06
N LYS A 344 -19.75 5.00 7.19
CA LYS A 344 -18.31 5.22 7.30
C LYS A 344 -17.71 4.08 8.13
N LEU A 345 -16.57 3.55 7.67
CA LEU A 345 -15.84 2.52 8.40
C LEU A 345 -14.89 3.13 9.41
N THR A 346 -14.84 2.57 10.62
CA THR A 346 -13.85 2.89 11.60
C THR A 346 -13.08 1.58 11.87
N ILE A 347 -11.77 1.68 11.80
CA ILE A 347 -10.91 0.56 12.17
C ILE A 347 -10.65 0.67 13.68
N VAL A 348 -11.04 -0.33 14.44
CA VAL A 348 -10.79 -0.40 15.89
C VAL A 348 -9.41 -1.05 16.17
N GLY A 349 -9.01 -2.05 15.41
CA GLY A 349 -7.75 -2.70 15.62
C GLY A 349 -7.54 -3.93 14.79
N ARG A 350 -6.53 -4.73 15.13
CA ARG A 350 -6.25 -5.96 14.41
C ARG A 350 -6.64 -7.16 15.23
N LEU A 351 -7.46 -8.04 14.68
CA LEU A 351 -7.86 -9.24 15.41
C LEU A 351 -6.67 -10.06 15.88
N ASP A 352 -5.55 -9.91 15.20
CA ASP A 352 -4.33 -10.62 15.57
C ASP A 352 -3.74 -10.12 16.90
N ASN A 353 -4.29 -9.04 17.44
CA ASN A 353 -3.79 -8.51 18.70
C ASN A 353 -4.67 -8.83 19.86
N LEU A 354 -5.86 -9.38 19.61
CA LEU A 354 -6.79 -9.69 20.66
C LEU A 354 -6.20 -10.72 21.57
N PHE A 355 -6.32 -10.54 22.89
CA PHE A 355 -5.89 -11.58 23.81
C PHE A 355 -6.94 -11.75 24.87
N PHE A 356 -6.84 -12.82 25.61
CA PHE A 356 -7.84 -13.16 26.59
C PHE A 356 -7.30 -13.03 28.00
N SER A 357 -8.14 -12.46 28.84
CA SER A 357 -7.90 -12.25 30.24
C SER A 357 -9.13 -12.70 30.98
N GLY A 358 -8.92 -13.74 31.80
CA GLY A 358 -9.95 -14.68 32.20
C GLY A 358 -10.62 -15.27 30.96
N GLY A 359 -11.89 -14.91 30.83
CA GLY A 359 -12.72 -15.36 29.76
C GLY A 359 -13.18 -14.16 28.96
N GLU A 360 -12.48 -13.02 29.06
CA GLU A 360 -12.80 -11.85 28.25
C GLU A 360 -11.74 -11.54 27.19
N GLY A 361 -12.23 -10.98 26.10
CA GLY A 361 -11.43 -10.51 24.99
C GLY A 361 -11.01 -9.08 25.21
N ILE A 362 -9.70 -8.87 25.31
CA ILE A 362 -9.17 -7.52 25.42
C ILE A 362 -8.64 -7.16 24.07
N GLN A 363 -9.21 -6.16 23.44
CA GLN A 363 -8.67 -5.65 22.19
C GLN A 363 -7.72 -4.49 22.57
N PRO A 364 -6.40 -4.70 22.57
CA PRO A 364 -5.45 -3.64 23.06
C PRO A 364 -5.75 -2.24 22.51
N GLU A 365 -5.98 -2.17 21.21
CA GLU A 365 -6.25 -0.90 20.55
C GLU A 365 -7.41 -0.12 21.12
N GLU A 366 -8.46 -0.81 21.58
CA GLU A 366 -9.63 -0.16 22.20
C GLU A 366 -9.29 0.44 23.54
N VAL A 367 -8.50 -0.27 24.32
CA VAL A 367 -8.11 0.19 25.66
C VAL A 367 -7.13 1.33 25.51
N GLU A 368 -6.22 1.19 24.53
CA GLU A 368 -5.24 2.20 24.16
C GLU A 368 -5.94 3.51 23.81
N ARG A 369 -6.99 3.43 22.99
CA ARG A 369 -7.73 4.61 22.58
C ARG A 369 -8.29 5.35 23.80
N VAL A 370 -8.95 4.59 24.67
CA VAL A 370 -9.53 5.18 25.91
C VAL A 370 -8.47 5.97 26.73
N ILE A 371 -7.30 5.38 26.92
CA ILE A 371 -6.23 5.95 27.76
C ILE A 371 -5.57 7.14 27.07
N ALA A 372 -5.34 6.98 25.77
CA ALA A 372 -4.71 8.00 24.96
C ALA A 372 -5.50 9.29 24.91
N ALA A 373 -6.76 9.25 25.25
CA ALA A 373 -7.57 10.46 25.29
C ALA A 373 -7.11 11.37 26.41
N HIS A 374 -6.48 10.82 27.46
CA HIS A 374 -5.88 11.64 28.49
C HIS A 374 -4.76 12.53 27.91
N PRO A 375 -4.86 13.83 28.16
CA PRO A 375 -3.96 14.76 27.44
C PRO A 375 -2.53 14.71 27.97
N ALA A 376 -2.29 14.11 29.12
CA ALA A 376 -0.91 13.76 29.57
C ALA A 376 -0.26 12.63 28.81
N VAL A 377 -1.05 11.90 28.01
CA VAL A 377 -0.59 10.69 27.35
C VAL A 377 -0.29 11.01 25.87
N LEU A 378 0.93 10.77 25.42
CA LEU A 378 1.25 10.87 23.99
C LEU A 378 1.09 9.54 23.23
N GLN A 379 1.54 8.45 23.86
CA GLN A 379 1.36 7.05 23.35
C GLN A 379 1.05 6.10 24.47
N VAL A 380 0.34 5.03 24.13
CA VAL A 380 0.04 3.94 25.07
C VAL A 380 -0.06 2.64 24.27
N PHE A 381 0.61 1.61 24.77
CA PHE A 381 0.40 0.26 24.26
C PHE A 381 -0.03 -0.65 25.39
N ILE A 382 -0.98 -1.53 25.09
CA ILE A 382 -1.53 -2.43 26.05
C ILE A 382 -1.05 -3.78 25.58
N VAL A 383 -0.37 -4.45 26.47
CA VAL A 383 0.41 -5.61 26.15
C VAL A 383 0.02 -6.69 27.19
N PRO A 384 -0.19 -7.95 26.73
CA PRO A 384 -0.49 -8.99 27.67
C PRO A 384 0.78 -9.44 28.39
N VAL A 385 0.63 -9.86 29.63
CA VAL A 385 1.65 -10.60 30.33
C VAL A 385 0.99 -11.88 30.90
N ALA A 386 1.74 -12.99 30.92
CA ALA A 386 1.27 -14.25 31.56
C ALA A 386 0.76 -14.07 33.00
N ASP A 387 -0.35 -14.75 33.34
CA ASP A 387 -0.97 -14.73 34.68
C ASP A 387 -1.57 -16.13 34.94
N LYS A 388 -1.31 -16.75 36.10
CA LYS A 388 -1.80 -18.12 36.35
C LYS A 388 -3.34 -18.20 36.41
N GLU A 389 -3.95 -17.38 37.28
CA GLU A 389 -5.43 -17.33 37.57
C GLU A 389 -6.31 -16.90 36.38
N PHE A 390 -5.77 -16.03 35.54
CA PHE A 390 -6.56 -15.34 34.53
C PHE A 390 -5.97 -15.46 33.10
N GLY A 391 -4.88 -16.18 32.94
CA GLY A 391 -4.32 -16.41 31.63
C GLY A 391 -3.38 -15.30 31.23
N HIS A 392 -3.95 -14.13 30.96
CA HIS A 392 -3.17 -12.96 30.71
C HIS A 392 -3.81 -11.78 31.39
N ARG A 393 -2.99 -10.77 31.66
CA ARG A 393 -3.48 -9.48 32.12
C ARG A 393 -2.84 -8.35 31.35
N PRO A 394 -3.57 -7.25 31.17
CA PRO A 394 -3.01 -6.13 30.40
C PRO A 394 -2.05 -5.32 31.23
N VAL A 395 -0.95 -4.95 30.58
CA VAL A 395 0.03 -3.97 31.06
C VAL A 395 0.05 -2.78 30.08
N ALA A 396 0.14 -1.55 30.65
CA ALA A 396 0.25 -0.36 29.87
C ALA A 396 1.70 0.00 29.71
N VAL A 397 2.12 0.23 28.48
CA VAL A 397 3.44 0.77 28.22
C VAL A 397 3.21 2.17 27.64
N MET A 398 3.79 3.19 28.28
CA MET A 398 3.35 4.58 28.16
C MET A 398 4.50 5.50 27.71
N GLU A 399 4.19 6.44 26.86
CA GLU A 399 5.04 7.60 26.69
C GLU A 399 4.16 8.79 27.08
N TYR A 400 4.55 9.51 28.15
CA TYR A 400 3.81 10.70 28.62
C TYR A 400 4.25 12.03 27.99
N ASP A 401 3.37 13.03 27.91
CA ASP A 401 3.67 14.33 27.30
C ASP A 401 4.87 14.99 28.02
N HIS A 402 4.84 14.97 29.35
CA HIS A 402 5.90 15.54 30.17
C HIS A 402 6.29 14.47 31.21
N GLU A 403 5.91 14.60 32.47
CA GLU A 403 6.27 13.61 33.46
C GLU A 403 5.09 12.64 33.53
N SER A 404 5.33 11.45 34.06
CA SER A 404 4.24 10.51 34.25
C SER A 404 3.11 11.01 35.24
N VAL A 405 1.92 10.47 35.06
CA VAL A 405 0.76 10.73 35.88
C VAL A 405 0.14 9.41 36.27
N ASP A 406 -0.45 9.36 37.44
CA ASP A 406 -1.12 8.18 37.92
C ASP A 406 -2.56 8.11 37.36
N LEU A 407 -2.76 7.15 36.46
CA LEU A 407 -4.06 6.90 35.89
C LEU A 407 -4.75 5.66 36.45
N SER A 408 -4.18 5.03 37.48
CA SER A 408 -4.73 3.78 37.97
C SER A 408 -6.14 4.01 38.60
N GLU A 409 -6.41 5.21 39.09
CA GLU A 409 -7.76 5.57 39.51
C GLU A 409 -8.58 6.14 38.38
N TRP A 410 -7.97 7.01 37.60
CA TRP A 410 -8.67 7.66 36.46
C TRP A 410 -9.30 6.64 35.48
N VAL A 411 -8.66 5.47 35.29
CA VAL A 411 -9.27 4.42 34.42
C VAL A 411 -10.49 3.70 35.01
N LYS A 412 -10.66 3.71 36.33
CA LYS A 412 -11.64 2.81 36.97
C LYS A 412 -13.08 3.03 36.57
N ASP A 413 -13.35 4.21 36.05
CA ASP A 413 -14.68 4.58 35.54
C ASP A 413 -14.75 4.69 34.01
N LYS A 414 -13.74 4.16 33.32
CA LYS A 414 -13.64 4.24 31.84
C LYS A 414 -13.31 2.90 31.17
N LEU A 415 -12.81 1.95 31.94
CA LEU A 415 -12.48 0.62 31.52
C LEU A 415 -13.11 -0.36 32.49
N ALA A 416 -13.55 -1.55 31.99
CA ALA A 416 -13.96 -2.63 32.91
C ALA A 416 -12.74 -3.19 33.64
N ARG A 417 -12.96 -3.96 34.70
CA ARG A 417 -11.86 -4.37 35.58
C ARG A 417 -10.84 -5.15 34.76
N PHE A 418 -11.33 -5.99 33.86
CA PHE A 418 -10.46 -6.89 33.13
C PHE A 418 -9.59 -6.14 32.11
N GLN A 419 -10.04 -4.95 31.66
CA GLN A 419 -9.25 -4.08 30.78
C GLN A 419 -8.27 -3.11 31.48
N GLN A 420 -8.44 -2.91 32.78
CA GLN A 420 -7.49 -1.99 33.53
C GLN A 420 -6.05 -2.58 33.66
N PRO A 421 -4.99 -1.83 33.24
CA PRO A 421 -3.65 -2.34 33.46
C PRO A 421 -3.36 -2.74 34.88
N VAL A 422 -2.67 -3.85 35.04
CA VAL A 422 -2.14 -4.26 36.32
C VAL A 422 -0.74 -3.65 36.58
N ARG A 423 -0.08 -3.14 35.56
CA ARG A 423 1.21 -2.40 35.74
C ARG A 423 1.18 -1.28 34.75
N TRP A 424 1.81 -0.17 35.11
CA TRP A 424 2.03 0.93 34.19
C TRP A 424 3.52 1.12 34.00
N LEU A 425 4.02 0.82 32.80
CA LEU A 425 5.43 0.96 32.46
C LEU A 425 5.73 2.05 31.44
N THR A 426 7.01 2.35 31.27
CA THR A 426 7.46 3.41 30.37
C THR A 426 8.08 2.86 29.11
N LEU A 427 7.73 3.48 27.98
CA LEU A 427 8.10 2.99 26.69
C LEU A 427 9.56 3.30 26.58
N PRO A 428 10.41 2.26 26.43
CA PRO A 428 11.86 2.46 26.34
C PRO A 428 12.37 3.07 25.00
N PRO A 429 13.60 3.65 25.01
CA PRO A 429 14.13 4.30 23.80
C PRO A 429 14.29 3.33 22.62
N GLU A 430 14.64 2.08 22.93
CA GLU A 430 14.81 1.03 21.90
C GLU A 430 13.53 0.74 21.11
N LEU A 431 12.35 1.03 21.67
CA LEU A 431 11.10 0.97 20.91
C LEU A 431 10.45 2.32 20.44
N LYS A 432 11.05 3.49 20.67
CA LYS A 432 10.49 4.76 20.08
C LYS A 432 10.96 4.90 18.59
N ASN A 433 10.54 5.96 17.88
CA ASN A 433 10.98 6.20 16.48
N SER A 439 5.97 -2.59 16.97
CA SER A 439 5.98 -4.07 16.88
C SER A 439 5.43 -4.78 18.13
N ARG A 440 4.33 -5.51 17.93
CA ARG A 440 3.56 -6.03 19.07
C ARG A 440 4.34 -7.14 19.79
N GLN A 441 5.03 -7.98 18.99
CA GLN A 441 5.90 -9.03 19.52
C GLN A 441 7.02 -8.46 20.36
N ALA A 442 7.62 -7.38 19.87
CA ALA A 442 8.72 -6.69 20.55
C ALA A 442 8.29 -6.08 21.91
N LEU A 443 7.18 -5.35 21.90
CA LEU A 443 6.55 -4.88 23.12
C LEU A 443 6.20 -6.04 24.09
N LYS A 444 5.54 -7.12 23.61
CA LYS A 444 5.27 -8.31 24.47
C LYS A 444 6.57 -8.83 25.11
N GLU A 445 7.59 -9.05 24.26
CA GLU A 445 8.91 -9.59 24.66
C GLU A 445 9.59 -8.66 25.67
N TRP A 446 9.63 -7.37 25.36
CA TRP A 446 10.18 -6.40 26.29
C TRP A 446 9.43 -6.41 27.62
N VAL A 447 8.10 -6.33 27.61
CA VAL A 447 7.33 -6.43 28.86
C VAL A 447 7.62 -7.70 29.64
N GLN A 448 7.79 -8.86 28.98
CA GLN A 448 8.06 -10.13 29.74
C GLN A 448 9.44 -10.08 30.44
N ARG A 449 10.34 -9.19 30.03
CA ARG A 449 11.59 -8.92 30.77
C ARG A 449 11.59 -7.71 31.74
N GLN A 450 10.42 -7.10 32.01
CA GLN A 450 10.34 -5.94 32.90
C GLN A 450 9.83 -6.33 34.32
#